data_3TX9
#
_entry.id   3TX9
#
_cell.length_a   141.188
_cell.length_b   141.188
_cell.length_c   42.600
_cell.angle_alpha   90.00
_cell.angle_beta   90.00
_cell.angle_gamma   90.00
#
_symmetry.space_group_name_H-M   'P 43 21 2'
#
loop_
_entity.id
_entity.type
_entity.pdbx_description
1 polymer 'NADPH dehydrogenase 1'
2 non-polymer 'FLAVIN MONONUCLEOTIDE'
3 non-polymer 'MAGNESIUM ION'
4 non-polymer 2-(hydroxymethyl)cyclopent-2-en-1-one
5 water water
#
_entity_poly.entity_id   1
_entity_poly.type   'polypeptide(L)'
_entity_poly.pdbx_seq_one_letter_code
;MSFVKDFKPQALGDTNLFKPIKIGNNELLHRAVIPPLTRMRALHPGNIPNRDWAVEYYTQRAQRPGTMIITEGAFISPQA
GGYDNAPGVWSEEQMVEWTKIFNAIHEKKSFVWVQLWVLGWAAFPDNLARDGLRYDSASDNVFMDAEQEAKAKKANNPQH
SLTKDEIKQYIKEYVQAAKNSIAAGADGVEIHSANGYLLNQFLDPHSNTRTDEYGGSIENRARFTLEVVDALVEAIGHEK
VGLRLSPYGVFNSMSGGAETGIVAQYAYVAGELEKRAKAGKRLAFVHLVEPRVTNPFLTEGEGEYEGGSNDFVYSIWKGP
VIRAGNFALHPEVVREEVKDKRTLIGYGRFFISNPDLVDRLEKGLPLNKYDRDTFYQMSAHGYIDYPTYEEALKLGWDKK
;
_entity_poly.pdbx_strand_id   A
#
loop_
_chem_comp.id
_chem_comp.type
_chem_comp.name
_chem_comp.formula
3RN non-polymer 2-(hydroxymethyl)cyclopent-2-en-1-one 'C6 H8 O2'
FMN non-polymer 'FLAVIN MONONUCLEOTIDE' 'C17 H21 N4 O9 P'
MG non-polymer 'MAGNESIUM ION' 'Mg 2'
#
# COMPACT_ATOMS: atom_id res chain seq x y z
N SER A 2 -10.61 -4.37 24.00
CA SER A 2 -12.06 -4.16 24.04
C SER A 2 -12.62 -3.81 22.65
N PHE A 3 -13.94 -3.78 22.57
CA PHE A 3 -14.63 -3.53 21.31
C PHE A 3 -14.78 -2.04 21.10
N VAL A 4 -14.91 -1.65 19.83
CA VAL A 4 -15.20 -0.26 19.52
C VAL A 4 -16.53 0.15 20.14
N LYS A 5 -16.46 1.14 21.03
CA LYS A 5 -17.52 1.44 21.98
C LYS A 5 -18.82 1.93 21.35
N ASP A 6 -18.72 2.92 20.46
CA ASP A 6 -19.95 3.56 19.97
C ASP A 6 -20.42 3.03 18.61
N PHE A 7 -19.75 2.00 18.12
CA PHE A 7 -20.02 1.47 16.80
C PHE A 7 -21.36 0.76 16.71
N LYS A 8 -22.13 1.08 15.67
CA LYS A 8 -23.34 0.32 15.37
C LYS A 8 -23.13 -0.54 14.12
N PRO A 9 -22.68 -1.79 14.33
CA PRO A 9 -22.30 -2.67 13.22
C PRO A 9 -23.49 -2.93 12.33
N GLN A 10 -23.21 -3.24 11.08
CA GLN A 10 -24.24 -3.63 10.16
C GLN A 10 -23.67 -4.79 9.37
N ALA A 11 -24.42 -5.89 9.31
CA ALA A 11 -24.02 -7.04 8.50
C ALA A 11 -24.00 -6.70 7.01
N LEU A 12 -22.98 -7.18 6.31
CA LEU A 12 -22.76 -6.83 4.91
C LEU A 12 -22.82 -8.06 4.01
N GLY A 13 -23.21 -9.18 4.59
CA GLY A 13 -23.28 -10.44 3.85
C GLY A 13 -24.27 -10.41 2.70
N ASP A 14 -25.22 -9.47 2.73
CA ASP A 14 -26.22 -9.35 1.66
C ASP A 14 -25.80 -8.35 0.59
N THR A 15 -24.53 -7.97 0.57
CA THR A 15 -24.05 -6.99 -0.41
C THR A 15 -23.00 -7.63 -1.33
N ASN A 16 -22.57 -6.88 -2.35
CA ASN A 16 -21.53 -7.36 -3.25
C ASN A 16 -20.18 -7.54 -2.59
N LEU A 17 -20.05 -7.09 -1.34
CA LEU A 17 -18.80 -7.28 -0.61
C LEU A 17 -18.53 -8.77 -0.47
N PHE A 18 -19.61 -9.56 -0.46
CA PHE A 18 -19.48 -11.01 -0.39
C PHE A 18 -19.82 -11.74 -1.68
N LYS A 19 -19.64 -11.04 -2.81
CA LYS A 19 -19.68 -11.71 -4.11
C LYS A 19 -18.26 -11.97 -4.59
N PRO A 20 -18.04 -13.16 -5.15
CA PRO A 20 -16.70 -13.49 -5.64
C PRO A 20 -16.29 -12.61 -6.82
N ILE A 21 -14.99 -12.45 -7.01
CA ILE A 21 -14.48 -11.68 -8.14
C ILE A 21 -13.09 -12.20 -8.47
N LYS A 22 -12.74 -12.17 -9.74
CA LYS A 22 -11.39 -12.56 -10.13
C LYS A 22 -10.51 -11.32 -10.24
N ILE A 23 -9.42 -11.29 -9.49
CA ILE A 23 -8.42 -10.24 -9.60
C ILE A 23 -7.11 -10.85 -10.07
N GLY A 24 -6.64 -10.46 -11.26
CA GLY A 24 -5.49 -11.13 -11.83
C GLY A 24 -5.81 -12.61 -11.98
N ASN A 25 -4.93 -13.48 -11.49
CA ASN A 25 -5.17 -14.92 -11.54
C ASN A 25 -5.93 -15.46 -10.33
N ASN A 26 -6.29 -14.58 -9.39
CA ASN A 26 -6.90 -15.02 -8.12
C ASN A 26 -8.42 -14.93 -8.08
N GLU A 27 -9.05 -16.03 -7.69
CA GLU A 27 -10.49 -16.04 -7.48
C GLU A 27 -10.84 -15.65 -6.04
N LEU A 28 -10.98 -14.35 -5.80
CA LEU A 28 -11.40 -13.86 -4.51
C LEU A 28 -12.83 -14.35 -4.20
N LEU A 29 -13.09 -14.70 -2.96
CA LEU A 29 -14.42 -15.16 -2.57
C LEU A 29 -15.22 -14.05 -1.91
N HIS A 30 -14.54 -12.95 -1.62
CA HIS A 30 -15.20 -11.76 -1.10
C HIS A 30 -14.33 -10.58 -1.50
N ARG A 31 -14.78 -9.37 -1.24
CA ARG A 31 -14.09 -8.20 -1.80
C ARG A 31 -13.55 -7.29 -0.71
N ALA A 32 -13.40 -7.84 0.49
CA ALA A 32 -12.71 -7.12 1.55
C ALA A 32 -11.22 -7.45 1.43
N VAL A 33 -10.43 -6.43 1.11
CA VAL A 33 -9.02 -6.64 0.79
C VAL A 33 -8.18 -6.13 1.95
N ILE A 34 -7.07 -6.83 2.26
CA ILE A 34 -6.12 -6.28 3.22
C ILE A 34 -5.14 -5.38 2.48
N PRO A 35 -5.23 -4.05 2.71
CA PRO A 35 -4.32 -3.15 2.01
C PRO A 35 -2.94 -3.27 2.63
N PRO A 36 -1.90 -2.74 1.96
CA PRO A 36 -0.53 -2.77 2.50
C PRO A 36 -0.46 -2.06 3.86
N LEU A 37 0.10 -2.75 4.86
CA LEU A 37 0.23 -2.18 6.22
C LEU A 37 1.62 -2.41 6.82
N THR A 38 2.43 -1.36 6.82
CA THR A 38 3.76 -1.38 7.43
C THR A 38 3.68 -1.58 8.94
N ARG A 39 4.40 -2.57 9.46
CA ARG A 39 4.30 -2.89 10.88
C ARG A 39 5.66 -2.85 11.60
N MET A 40 6.73 -2.69 10.84
CA MET A 40 8.07 -2.49 11.40
C MET A 40 8.52 -3.63 12.31
N ARG A 41 8.17 -4.87 11.94
CA ARG A 41 8.67 -6.02 12.69
C ARG A 41 9.85 -6.70 12.02
N ALA A 42 10.24 -6.21 10.84
CA ALA A 42 11.38 -6.80 10.15
C ALA A 42 12.66 -6.57 10.94
N LEU A 43 13.58 -7.53 10.88
CA LEU A 43 14.78 -7.51 11.72
C LEU A 43 15.98 -6.87 11.02
N HIS A 44 16.81 -6.21 11.83
CA HIS A 44 18.02 -5.54 11.38
C HIS A 44 19.21 -6.30 11.98
N PRO A 45 20.28 -6.54 11.19
CA PRO A 45 20.52 -6.01 9.84
C PRO A 45 19.84 -6.84 8.75
N GLY A 46 19.76 -6.26 7.56
CA GLY A 46 19.32 -6.99 6.39
C GLY A 46 17.85 -6.85 6.02
N ASN A 47 17.07 -6.07 6.77
CA ASN A 47 15.63 -5.90 6.47
C ASN A 47 14.92 -7.23 6.21
N ILE A 48 15.01 -8.13 7.18
CA ILE A 48 14.51 -9.49 7.03
CA ILE A 48 14.49 -9.48 7.02
C ILE A 48 13.12 -9.61 7.68
N PRO A 49 12.13 -10.12 6.93
CA PRO A 49 10.80 -10.38 7.50
C PRO A 49 10.93 -11.13 8.80
N ASN A 50 10.17 -10.72 9.82
CA ASN A 50 10.31 -11.27 11.17
C ASN A 50 10.20 -12.80 11.27
N ARG A 51 11.32 -13.42 11.62
CA ARG A 51 11.44 -14.88 11.64
C ARG A 51 10.59 -15.50 12.78
N ASP A 52 10.18 -14.68 13.75
CA ASP A 52 9.39 -15.19 14.86
C ASP A 52 7.88 -15.02 14.67
N TRP A 53 7.47 -13.97 13.98
CA TRP A 53 6.07 -13.52 14.05
C TRP A 53 5.34 -13.31 12.71
N ALA A 54 6.07 -13.00 11.64
CA ALA A 54 5.43 -12.64 10.37
C ALA A 54 4.50 -13.73 9.82
N VAL A 55 4.96 -14.98 9.77
CA VAL A 55 4.11 -16.08 9.31
C VAL A 55 2.78 -16.12 10.05
N GLU A 56 2.85 -16.12 11.38
CA GLU A 56 1.64 -16.16 12.21
C GLU A 56 0.73 -14.95 11.96
N TYR A 57 1.31 -13.77 11.84
CA TYR A 57 0.55 -12.55 11.55
C TYR A 57 -0.27 -12.69 10.26
N TYR A 58 0.41 -13.04 9.17
CA TYR A 58 -0.27 -13.21 7.88
C TYR A 58 -1.20 -14.41 7.86
N THR A 59 -0.84 -15.47 8.59
CA THR A 59 -1.72 -16.63 8.69
C THR A 59 -3.04 -16.27 9.32
N GLN A 60 -2.99 -15.55 10.45
CA GLN A 60 -4.20 -15.14 11.14
C GLN A 60 -5.10 -14.34 10.20
N ARG A 61 -4.51 -13.50 9.36
CA ARG A 61 -5.32 -12.60 8.54
C ARG A 61 -5.74 -13.20 7.21
N ALA A 62 -5.10 -14.31 6.84
CA ALA A 62 -5.53 -15.09 5.69
C ALA A 62 -6.66 -16.09 6.01
N GLN A 63 -7.12 -16.10 7.26
CA GLN A 63 -7.99 -17.17 7.75
C GLN A 63 -9.32 -17.33 7.02
N ARG A 64 -9.87 -16.25 6.48
CA ARG A 64 -11.04 -16.36 5.62
C ARG A 64 -10.60 -16.75 4.21
N PRO A 65 -11.05 -17.92 3.72
CA PRO A 65 -10.65 -18.40 2.40
C PRO A 65 -11.01 -17.37 1.33
N GLY A 66 -10.14 -17.21 0.34
CA GLY A 66 -10.42 -16.30 -0.76
C GLY A 66 -10.13 -14.83 -0.47
N THR A 67 -9.41 -14.55 0.61
CA THR A 67 -9.04 -13.18 0.95
C THR A 67 -7.83 -12.69 0.15
N MET A 68 -7.92 -11.49 -0.42
CA MET A 68 -6.75 -10.89 -1.08
C MET A 68 -5.96 -10.07 -0.07
N ILE A 69 -4.68 -10.39 0.07
CA ILE A 69 -3.83 -9.70 1.01
C ILE A 69 -2.72 -9.00 0.25
N ILE A 70 -2.56 -7.70 0.46
CA ILE A 70 -1.41 -6.98 -0.07
C ILE A 70 -0.43 -6.77 1.09
N THR A 71 0.84 -7.14 0.90
CA THR A 71 1.76 -7.09 2.04
C THR A 71 2.09 -5.67 2.40
N GLU A 72 2.60 -5.51 3.62
CA GLU A 72 3.34 -4.32 4.02
C GLU A 72 4.35 -3.94 2.94
N GLY A 73 4.56 -2.65 2.73
CA GLY A 73 5.57 -2.20 1.79
C GLY A 73 6.90 -2.92 1.97
N ALA A 74 7.49 -3.35 0.85
CA ALA A 74 8.78 -4.05 0.86
C ALA A 74 9.76 -3.33 -0.05
N PHE A 75 10.94 -3.00 0.48
CA PHE A 75 11.95 -2.27 -0.29
C PHE A 75 12.49 -3.13 -1.44
N ILE A 76 12.71 -2.52 -2.61
CA ILE A 76 13.21 -3.27 -3.76
C ILE A 76 14.73 -3.37 -3.77
N SER A 77 15.37 -2.61 -2.90
CA SER A 77 16.83 -2.49 -2.89
C SER A 77 17.23 -1.69 -1.65
N PRO A 78 18.48 -1.84 -1.20
CA PRO A 78 18.96 -1.02 -0.09
C PRO A 78 18.77 0.49 -0.34
N GLN A 79 19.12 0.96 -1.54
CA GLN A 79 19.01 2.38 -1.87
C GLN A 79 17.55 2.86 -1.80
N ALA A 80 16.62 1.95 -2.07
CA ALA A 80 15.18 2.25 -2.00
C ALA A 80 14.64 2.31 -0.57
N GLY A 81 15.44 1.84 0.38
CA GLY A 81 15.03 1.72 1.76
C GLY A 81 15.41 2.90 2.64
N GLY A 82 15.66 2.64 3.92
CA GLY A 82 15.96 3.69 4.87
C GLY A 82 15.25 3.56 6.21
N TYR A 83 14.44 2.52 6.36
CA TYR A 83 13.88 2.16 7.66
C TYR A 83 14.45 0.79 7.99
N ASP A 84 15.14 0.67 9.12
CA ASP A 84 15.80 -0.59 9.47
C ASP A 84 14.81 -1.74 9.70
N ASN A 85 13.56 -1.41 10.04
CA ASN A 85 12.62 -2.47 10.41
C ASN A 85 11.48 -2.72 9.44
N ALA A 86 11.62 -2.26 8.21
CA ALA A 86 10.74 -2.66 7.13
C ALA A 86 11.46 -3.71 6.29
N PRO A 87 10.72 -4.69 5.75
CA PRO A 87 11.33 -5.78 4.97
C PRO A 87 11.73 -5.37 3.55
N GLY A 88 12.63 -6.14 2.96
CA GLY A 88 13.01 -5.95 1.56
C GLY A 88 12.76 -7.23 0.78
N VAL A 89 12.88 -7.16 -0.54
CA VAL A 89 12.69 -8.32 -1.40
C VAL A 89 13.82 -8.39 -2.44
N TRP A 90 15.04 -8.07 -2.01
CA TRP A 90 16.20 -8.10 -2.91
C TRP A 90 17.18 -9.25 -2.60
N SER A 91 17.16 -9.77 -1.38
CA SER A 91 18.18 -10.75 -0.98
C SER A 91 17.60 -12.15 -0.75
N GLU A 92 18.45 -13.16 -0.84
CA GLU A 92 18.03 -14.54 -0.59
C GLU A 92 17.51 -14.73 0.83
N GLU A 93 18.19 -14.11 1.79
CA GLU A 93 17.79 -14.11 3.19
C GLU A 93 16.32 -13.70 3.34
N GLN A 94 15.96 -12.62 2.66
CA GLN A 94 14.60 -12.08 2.70
C GLN A 94 13.61 -13.04 2.04
N MET A 95 13.93 -13.50 0.84
CA MET A 95 12.98 -14.32 0.09
C MET A 95 12.65 -15.65 0.77
N VAL A 96 13.63 -16.19 1.50
CA VAL A 96 13.39 -17.39 2.28
C VAL A 96 12.27 -17.18 3.31
N GLU A 97 12.26 -16.01 3.93
CA GLU A 97 11.21 -15.72 4.91
C GLU A 97 9.88 -15.39 4.23
N TRP A 98 9.93 -14.67 3.11
CA TRP A 98 8.73 -14.38 2.33
C TRP A 98 8.06 -15.66 1.80
N THR A 99 8.88 -16.63 1.37
CA THR A 99 8.34 -17.88 0.85
C THR A 99 7.50 -18.60 1.92
N LYS A 100 8.01 -18.62 3.15
CA LYS A 100 7.26 -19.21 4.25
C LYS A 100 5.93 -18.47 4.43
N ILE A 101 5.97 -17.15 4.30
CA ILE A 101 4.77 -16.36 4.47
C ILE A 101 3.74 -16.65 3.39
N PHE A 102 4.18 -16.62 2.13
CA PHE A 102 3.29 -16.90 1.01
C PHE A 102 2.70 -18.31 1.14
N ASN A 103 3.53 -19.28 1.52
CA ASN A 103 3.04 -20.65 1.70
C ASN A 103 1.93 -20.73 2.73
N ALA A 104 2.10 -20.03 3.86
CA ALA A 104 1.11 -20.09 4.92
C ALA A 104 -0.22 -19.47 4.48
N ILE A 105 -0.15 -18.41 3.67
CA ILE A 105 -1.35 -17.71 3.21
C ILE A 105 -2.10 -18.58 2.22
N HIS A 106 -1.34 -19.21 1.33
CA HIS A 106 -1.88 -20.13 0.36
C HIS A 106 -2.51 -21.36 1.01
N GLU A 107 -1.88 -21.88 2.07
CA GLU A 107 -2.48 -23.00 2.80
C GLU A 107 -3.85 -22.60 3.39
N LYS A 108 -4.04 -21.32 3.70
CA LYS A 108 -5.35 -20.85 4.16
C LYS A 108 -6.29 -20.51 3.00
N LYS A 109 -5.83 -20.75 1.78
CA LYS A 109 -6.62 -20.57 0.55
C LYS A 109 -6.86 -19.11 0.21
N SER A 110 -5.96 -18.24 0.68
CA SER A 110 -6.03 -16.83 0.37
C SER A 110 -4.88 -16.45 -0.56
N PHE A 111 -4.69 -15.16 -0.78
CA PHE A 111 -3.82 -14.70 -1.86
C PHE A 111 -2.91 -13.60 -1.37
N VAL A 112 -1.76 -13.45 -2.01
CA VAL A 112 -0.79 -12.47 -1.52
C VAL A 112 -0.10 -11.70 -2.64
N TRP A 113 -0.18 -10.38 -2.53
CA TRP A 113 0.44 -9.45 -3.47
C TRP A 113 1.51 -8.65 -2.74
N VAL A 114 2.74 -8.62 -3.27
CA VAL A 114 3.80 -7.88 -2.59
C VAL A 114 3.76 -6.41 -2.99
N GLN A 115 3.65 -5.51 -2.01
CA GLN A 115 3.76 -4.10 -2.40
C GLN A 115 5.24 -3.73 -2.56
N LEU A 116 5.62 -3.21 -3.72
CA LEU A 116 6.99 -2.78 -3.95
C LEU A 116 7.19 -1.30 -3.58
N TRP A 117 8.10 -1.06 -2.63
CA TRP A 117 8.23 0.23 -1.95
C TRP A 117 9.59 0.92 -2.17
N VAL A 118 9.56 2.19 -2.57
CA VAL A 118 10.74 3.04 -2.66
C VAL A 118 10.47 4.37 -1.96
N LEU A 119 11.28 4.70 -0.95
CA LEU A 119 10.98 5.81 -0.01
C LEU A 119 11.19 7.23 -0.52
N GLY A 120 12.19 7.42 -1.38
CA GLY A 120 12.60 8.77 -1.75
C GLY A 120 12.81 9.60 -0.50
N TRP A 121 12.22 10.79 -0.46
CA TRP A 121 12.52 11.72 0.62
C TRP A 121 11.92 11.37 1.97
N ALA A 122 11.10 10.31 2.03
CA ALA A 122 10.58 9.88 3.32
C ALA A 122 11.58 9.00 4.08
N ALA A 123 12.68 8.64 3.42
CA ALA A 123 13.71 7.84 4.07
C ALA A 123 14.48 8.66 5.12
N PHE A 124 15.06 7.97 6.11
CA PHE A 124 15.91 8.61 7.11
C PHE A 124 17.33 8.74 6.55
N PRO A 125 17.77 9.98 6.30
CA PRO A 125 19.04 10.21 5.59
C PRO A 125 20.24 9.72 6.39
N ASP A 126 20.12 9.70 7.71
CA ASP A 126 21.19 9.23 8.59
C ASP A 126 21.39 7.73 8.49
N ASN A 127 20.28 6.99 8.37
CA ASN A 127 20.35 5.54 8.16
C ASN A 127 21.03 5.24 6.85
N LEU A 128 20.63 5.99 5.82
CA LEU A 128 21.18 5.83 4.48
C LEU A 128 22.68 6.19 4.47
N ALA A 129 23.03 7.31 5.09
CA ALA A 129 24.43 7.75 5.15
C ALA A 129 25.31 6.70 5.81
N ARG A 130 24.79 6.10 6.88
CA ARG A 130 25.47 5.03 7.59
C ARG A 130 25.80 3.86 6.66
N ASP A 131 24.89 3.58 5.75
CA ASP A 131 25.05 2.44 4.85
C ASP A 131 25.68 2.85 3.52
N GLY A 132 26.12 4.09 3.43
CA GLY A 132 26.74 4.58 2.20
C GLY A 132 25.78 4.91 1.06
N LEU A 133 24.52 5.18 1.37
CA LEU A 133 23.50 5.39 0.33
C LEU A 133 23.04 6.84 0.19
N ARG A 134 22.63 7.19 -1.03
CA ARG A 134 22.10 8.52 -1.34
C ARG A 134 20.79 8.76 -0.60
N TYR A 135 20.46 10.04 -0.41
CA TYR A 135 19.14 10.43 0.05
C TYR A 135 18.46 11.02 -1.19
N ASP A 136 17.49 10.27 -1.73
CA ASP A 136 17.00 10.49 -3.09
C ASP A 136 15.62 11.12 -3.14
N SER A 137 15.40 11.99 -4.11
CA SER A 137 14.06 12.43 -4.43
C SER A 137 14.00 12.90 -5.87
N ALA A 138 12.88 13.48 -6.28
CA ALA A 138 12.77 13.97 -7.64
C ALA A 138 13.66 15.19 -7.83
N SER A 139 13.65 16.07 -6.83
CA SER A 139 14.35 17.34 -6.94
C SER A 139 15.26 17.57 -5.74
N ASP A 140 16.03 18.64 -5.77
CA ASP A 140 16.96 18.94 -4.68
C ASP A 140 16.74 20.32 -4.09
N ASN A 141 15.67 20.99 -4.49
CA ASN A 141 15.43 22.35 -4.04
C ASN A 141 14.14 22.47 -3.25
N VAL A 142 13.55 21.31 -2.96
CA VAL A 142 12.34 21.23 -2.17
C VAL A 142 12.40 20.01 -1.27
N PHE A 143 12.02 20.17 -0.01
CA PHE A 143 12.24 19.14 0.98
C PHE A 143 10.93 18.75 1.67
N MET A 144 10.89 17.54 2.23
CA MET A 144 9.69 16.99 2.85
C MET A 144 9.23 17.85 4.02
N ASP A 145 10.16 18.09 4.93
CA ASP A 145 9.97 19.09 5.96
C ASP A 145 11.37 19.57 6.37
N ALA A 146 11.44 20.58 7.22
CA ALA A 146 12.72 21.18 7.56
C ALA A 146 13.62 20.17 8.29
N GLU A 147 13.00 19.39 9.17
CA GLU A 147 13.68 18.35 9.93
C GLU A 147 14.44 17.38 9.00
N GLN A 148 13.73 16.83 8.02
CA GLN A 148 14.36 15.91 7.09
C GLN A 148 15.46 16.61 6.27
N GLU A 149 15.25 17.89 5.96
CA GLU A 149 16.26 18.67 5.24
C GLU A 149 17.48 18.86 6.14
N ALA A 150 17.21 18.99 7.44
CA ALA A 150 18.27 19.15 8.42
C ALA A 150 19.10 17.88 8.55
N LYS A 151 18.42 16.76 8.80
CA LYS A 151 19.09 15.47 8.97
C LYS A 151 20.02 15.15 7.79
N ALA A 152 19.57 15.47 6.59
CA ALA A 152 20.39 15.27 5.40
C ALA A 152 21.71 16.03 5.50
N LYS A 153 21.62 17.35 5.68
CA LYS A 153 22.80 18.21 5.79
C LYS A 153 23.70 17.77 6.95
N LYS A 154 23.09 17.51 8.10
CA LYS A 154 23.80 16.99 9.28
C LYS A 154 24.56 15.69 8.97
N ALA A 155 23.91 14.76 8.27
CA ALA A 155 24.51 13.48 7.93
C ALA A 155 25.37 13.59 6.69
N ASN A 156 25.57 14.82 6.21
CA ASN A 156 26.31 15.06 4.97
C ASN A 156 25.74 14.20 3.87
N ASN A 157 24.42 14.07 3.87
CA ASN A 157 23.74 13.29 2.84
C ASN A 157 22.58 14.10 2.27
N PRO A 158 22.90 15.20 1.57
CA PRO A 158 21.86 16.14 1.12
C PRO A 158 20.93 15.51 0.10
N GLN A 159 19.70 16.00 0.05
CA GLN A 159 18.70 15.46 -0.88
C GLN A 159 19.17 15.57 -2.32
N HIS A 160 19.14 14.43 -3.00
CA HIS A 160 19.74 14.29 -4.31
C HIS A 160 18.67 14.12 -5.39
N SER A 161 18.69 14.99 -6.39
CA SER A 161 17.82 14.87 -7.55
C SER A 161 18.32 13.74 -8.44
N LEU A 162 17.48 12.74 -8.66
CA LEU A 162 17.85 11.57 -9.46
C LEU A 162 18.23 11.93 -10.89
N THR A 163 19.34 11.37 -11.36
CA THR A 163 19.71 11.48 -12.76
C THR A 163 18.93 10.41 -13.50
N LYS A 164 18.90 10.53 -14.82
CA LYS A 164 18.19 9.57 -15.64
C LYS A 164 18.73 8.14 -15.51
N ASP A 165 20.03 8.00 -15.33
CA ASP A 165 20.62 6.68 -15.12
C ASP A 165 20.23 6.05 -13.79
N GLU A 166 20.09 6.87 -12.75
CA GLU A 166 19.72 6.35 -11.44
C GLU A 166 18.25 5.95 -11.41
N ILE A 167 17.44 6.65 -12.21
CA ILE A 167 16.03 6.29 -12.36
C ILE A 167 15.93 4.93 -13.04
N LYS A 168 16.72 4.74 -14.10
CA LYS A 168 16.78 3.46 -14.80
C LYS A 168 17.20 2.34 -13.85
N GLN A 169 18.13 2.66 -12.95
CA GLN A 169 18.62 1.69 -11.98
C GLN A 169 17.49 1.25 -11.04
N TYR A 170 16.70 2.21 -10.57
CA TYR A 170 15.50 1.89 -9.80
C TYR A 170 14.53 0.99 -10.56
N ILE A 171 14.34 1.28 -11.85
CA ILE A 171 13.41 0.51 -12.66
C ILE A 171 13.91 -0.93 -12.75
N LYS A 172 15.23 -1.08 -12.86
CA LYS A 172 15.85 -2.40 -12.91
C LYS A 172 15.62 -3.12 -11.59
N GLU A 173 15.73 -2.38 -10.50
CA GLU A 173 15.51 -2.93 -9.17
C GLU A 173 14.04 -3.32 -8.96
N TYR A 174 13.12 -2.50 -9.48
CA TYR A 174 11.70 -2.86 -9.44
C TYR A 174 11.48 -4.19 -10.16
N VAL A 175 12.09 -4.31 -11.33
CA VAL A 175 11.95 -5.51 -12.15
C VAL A 175 12.46 -6.73 -11.38
N GLN A 176 13.65 -6.62 -10.81
CA GLN A 176 14.22 -7.76 -10.09
C GLN A 176 13.41 -8.12 -8.85
N ALA A 177 12.97 -7.10 -8.11
CA ALA A 177 12.16 -7.33 -6.91
C ALA A 177 10.85 -8.03 -7.25
N ALA A 178 10.25 -7.68 -8.37
CA ALA A 178 9.00 -8.30 -8.77
C ALA A 178 9.21 -9.75 -9.19
N LYS A 179 10.32 -10.01 -9.89
CA LYS A 179 10.68 -11.36 -10.28
C LYS A 179 10.93 -12.20 -9.03
N ASN A 180 11.68 -11.64 -8.09
CA ASN A 180 11.93 -12.30 -6.81
C ASN A 180 10.61 -12.67 -6.11
N SER A 181 9.67 -11.75 -6.12
CA SER A 181 8.40 -11.98 -5.41
C SER A 181 7.64 -13.13 -6.03
N ILE A 182 7.49 -13.10 -7.35
CA ILE A 182 6.78 -14.15 -8.05
C ILE A 182 7.47 -15.51 -7.88
N ALA A 183 8.80 -15.51 -8.04
CA ALA A 183 9.57 -16.76 -7.89
C ALA A 183 9.41 -17.37 -6.50
N ALA A 184 9.31 -16.52 -5.48
CA ALA A 184 9.12 -17.01 -4.12
C ALA A 184 7.69 -17.47 -3.85
N GLY A 185 6.76 -17.22 -4.77
CA GLY A 185 5.40 -17.71 -4.62
C GLY A 185 4.28 -16.69 -4.48
N ALA A 186 4.58 -15.39 -4.61
CA ALA A 186 3.52 -14.38 -4.56
C ALA A 186 2.60 -14.47 -5.77
N ASP A 187 1.33 -14.13 -5.55
CA ASP A 187 0.34 -14.08 -6.65
C ASP A 187 0.54 -12.88 -7.56
N GLY A 188 1.19 -11.84 -7.05
CA GLY A 188 1.46 -10.65 -7.83
C GLY A 188 2.17 -9.57 -7.03
N VAL A 189 2.30 -8.39 -7.62
CA VAL A 189 2.87 -7.24 -6.92
C VAL A 189 2.00 -5.99 -7.07
N GLU A 190 2.13 -5.07 -6.12
CA GLU A 190 1.50 -3.77 -6.23
C GLU A 190 2.58 -2.70 -6.22
N ILE A 191 2.53 -1.82 -7.21
CA ILE A 191 3.49 -0.74 -7.30
C ILE A 191 2.97 0.40 -6.43
N HIS A 192 3.73 0.76 -5.40
CA HIS A 192 3.34 1.84 -4.51
C HIS A 192 3.69 3.17 -5.16
N SER A 193 2.68 3.85 -5.72
CA SER A 193 2.92 5.14 -6.34
C SER A 193 2.13 6.20 -5.57
N ALA A 194 1.89 5.91 -4.31
CA ALA A 194 1.01 6.71 -3.47
C ALA A 194 1.71 7.21 -2.20
N ASN A 195 0.95 7.96 -1.41
CA ASN A 195 1.32 8.40 -0.06
C ASN A 195 2.66 9.13 0.10
N GLY A 196 3.10 9.78 -0.98
CA GLY A 196 4.25 10.66 -0.89
C GLY A 196 5.60 9.98 -0.92
N TYR A 197 5.63 8.72 -1.33
CA TYR A 197 6.92 8.04 -1.52
C TYR A 197 7.51 8.40 -2.89
N LEU A 198 8.63 7.81 -3.27
CA LEU A 198 9.40 8.30 -4.42
C LEU A 198 8.57 8.55 -5.69
N LEU A 199 7.84 7.53 -6.16
CA LEU A 199 7.06 7.71 -7.39
C LEU A 199 6.07 8.86 -7.27
N ASN A 200 5.40 8.96 -6.13
CA ASN A 200 4.50 10.08 -5.84
C ASN A 200 5.27 11.42 -5.89
N GLN A 201 6.49 11.43 -5.37
CA GLN A 201 7.32 12.65 -5.40
C GLN A 201 7.60 13.11 -6.84
N PHE A 202 7.62 12.17 -7.78
CA PHE A 202 7.71 12.52 -9.20
C PHE A 202 6.37 13.00 -9.78
N LEU A 203 5.27 12.37 -9.34
CA LEU A 203 3.92 12.72 -9.79
C LEU A 203 3.50 14.12 -9.36
N ASP A 204 3.88 14.51 -8.15
CA ASP A 204 3.39 15.76 -7.56
C ASP A 204 4.22 16.98 -7.95
N PRO A 205 3.56 18.04 -8.44
CA PRO A 205 4.25 19.28 -8.86
C PRO A 205 4.91 20.05 -7.74
N HIS A 206 4.56 19.77 -6.50
CA HIS A 206 5.23 20.43 -5.39
C HIS A 206 6.62 19.84 -5.16
N SER A 207 6.70 18.52 -5.23
CA SER A 207 7.96 17.84 -4.96
C SER A 207 8.79 17.65 -6.22
N ASN A 208 8.17 17.80 -7.38
CA ASN A 208 8.87 17.61 -8.65
C ASN A 208 9.02 18.94 -9.37
N THR A 209 10.22 19.50 -9.33
CA THR A 209 10.49 20.76 -9.98
C THR A 209 11.52 20.58 -11.08
N ARG A 210 11.62 19.36 -11.60
CA ARG A 210 12.58 19.03 -12.65
C ARG A 210 12.21 19.65 -14.00
N THR A 211 13.22 19.85 -14.83
CA THR A 211 13.02 20.46 -16.15
C THR A 211 13.41 19.51 -17.29
N ASP A 212 13.82 18.29 -16.95
CA ASP A 212 14.12 17.29 -17.96
C ASP A 212 12.85 16.48 -18.22
N GLU A 213 12.94 15.36 -18.95
CA GLU A 213 11.73 14.67 -19.34
C GLU A 213 10.94 13.98 -18.21
N TYR A 214 11.42 14.10 -16.97
CA TYR A 214 10.73 13.50 -15.83
C TYR A 214 9.98 14.53 -14.98
N GLY A 215 9.94 15.78 -15.45
CA GLY A 215 9.18 16.81 -14.76
C GLY A 215 8.74 17.93 -15.68
N GLY A 216 8.04 18.92 -15.12
CA GLY A 216 7.63 20.09 -15.87
C GLY A 216 6.30 20.01 -16.58
N SER A 217 5.70 18.82 -16.62
CA SER A 217 4.38 18.64 -17.23
C SER A 217 3.69 17.39 -16.69
N ILE A 218 2.39 17.30 -16.93
CA ILE A 218 1.61 16.14 -16.49
C ILE A 218 2.23 14.82 -17.00
N GLU A 219 2.47 14.76 -18.31
CA GLU A 219 3.03 13.57 -18.96
CA GLU A 219 3.01 13.53 -18.90
C GLU A 219 4.42 13.23 -18.40
N ASN A 220 5.23 14.26 -18.20
CA ASN A 220 6.57 14.08 -17.67
C ASN A 220 6.57 13.59 -16.22
N ARG A 221 5.70 14.16 -15.39
CA ARG A 221 5.67 13.79 -13.97
C ARG A 221 5.18 12.37 -13.79
N ALA A 222 4.41 11.89 -14.75
CA ALA A 222 3.86 10.55 -14.71
C ALA A 222 4.83 9.52 -15.29
N ARG A 223 5.89 10.00 -15.94
CA ARG A 223 6.78 9.14 -16.73
C ARG A 223 7.38 7.98 -15.93
N PHE A 224 8.00 8.30 -14.80
CA PHE A 224 8.65 7.32 -13.94
C PHE A 224 7.67 6.20 -13.54
N THR A 225 6.48 6.59 -13.09
CA THR A 225 5.46 5.62 -12.68
C THR A 225 5.07 4.67 -13.81
N LEU A 226 4.80 5.22 -14.99
CA LEU A 226 4.37 4.39 -16.12
C LEU A 226 5.50 3.51 -16.66
N GLU A 227 6.73 3.99 -16.53
CA GLU A 227 7.87 3.18 -16.93
C GLU A 227 7.98 1.93 -16.03
N VAL A 228 7.77 2.12 -14.73
CA VAL A 228 7.78 0.99 -13.79
C VAL A 228 6.66 0.04 -14.16
N VAL A 229 5.45 0.58 -14.35
CA VAL A 229 4.32 -0.23 -14.78
C VAL A 229 4.70 -1.06 -16.01
N ASP A 230 5.28 -0.40 -17.02
CA ASP A 230 5.59 -1.09 -18.27
C ASP A 230 6.69 -2.14 -18.08
N ALA A 231 7.69 -1.82 -17.26
CA ALA A 231 8.78 -2.73 -17.03
C ALA A 231 8.29 -3.99 -16.33
N LEU A 232 7.31 -3.83 -15.43
CA LEU A 232 6.80 -4.95 -14.65
C LEU A 232 5.79 -5.78 -15.43
N VAL A 233 4.97 -5.13 -16.24
CA VAL A 233 4.05 -5.85 -17.10
C VAL A 233 4.86 -6.74 -18.04
N GLU A 234 5.94 -6.18 -18.57
CA GLU A 234 6.85 -6.94 -19.41
C GLU A 234 7.48 -8.11 -18.65
N ALA A 235 7.91 -7.85 -17.41
CA ALA A 235 8.69 -8.83 -16.67
C ALA A 235 7.88 -10.02 -16.19
N ILE A 236 6.70 -9.78 -15.62
CA ILE A 236 5.94 -10.85 -14.98
C ILE A 236 4.46 -10.91 -15.43
N GLY A 237 4.06 -10.02 -16.33
CA GLY A 237 2.70 -10.07 -16.86
C GLY A 237 1.74 -9.05 -16.23
N HIS A 238 0.84 -8.52 -17.05
CA HIS A 238 -0.10 -7.50 -16.58
C HIS A 238 -1.06 -8.05 -15.54
N GLU A 239 -1.39 -9.34 -15.63
CA GLU A 239 -2.32 -9.93 -14.69
CA GLU A 239 -2.32 -9.95 -14.69
C GLU A 239 -1.72 -10.10 -13.30
N LYS A 240 -0.42 -9.85 -13.17
CA LYS A 240 0.22 -9.94 -11.86
C LYS A 240 0.67 -8.56 -11.34
N VAL A 241 0.16 -7.48 -11.94
CA VAL A 241 0.61 -6.14 -11.56
C VAL A 241 -0.56 -5.21 -11.22
N GLY A 242 -0.49 -4.59 -10.04
CA GLY A 242 -1.40 -3.53 -9.66
C GLY A 242 -0.69 -2.21 -9.38
N LEU A 243 -1.47 -1.14 -9.31
CA LEU A 243 -0.90 0.18 -9.02
C LEU A 243 -1.66 0.88 -7.90
N ARG A 244 -0.94 1.42 -6.91
CA ARG A 244 -1.58 2.19 -5.86
C ARG A 244 -1.33 3.69 -5.99
N LEU A 245 -2.41 4.47 -5.84
CA LEU A 245 -2.38 5.92 -6.02
C LEU A 245 -3.22 6.59 -4.94
N SER A 246 -2.85 7.81 -4.57
CA SER A 246 -3.61 8.55 -3.58
C SER A 246 -3.75 10.00 -4.03
N PRO A 247 -4.69 10.24 -4.96
CA PRO A 247 -4.82 11.52 -5.65
C PRO A 247 -4.99 12.68 -4.68
N TYR A 248 -5.71 12.48 -3.58
CA TYR A 248 -5.93 13.58 -2.65
C TYR A 248 -5.04 13.56 -1.41
N GLY A 249 -4.07 12.64 -1.40
CA GLY A 249 -3.20 12.50 -0.23
C GLY A 249 -2.31 13.70 -0.02
N VAL A 250 -2.08 14.03 1.24
CA VAL A 250 -1.11 15.07 1.58
C VAL A 250 0.01 14.47 2.44
N PHE A 251 -0.06 13.16 2.67
CA PHE A 251 0.92 12.45 3.49
C PHE A 251 2.32 12.66 2.88
N ASN A 252 3.32 12.88 3.73
CA ASN A 252 4.68 13.15 3.27
C ASN A 252 4.81 14.35 2.34
N SER A 253 4.00 15.36 2.63
CA SER A 253 4.05 16.66 1.95
C SER A 253 3.68 16.63 0.48
N MET A 254 2.68 15.84 0.10
CA MET A 254 2.15 15.94 -1.26
C MET A 254 1.09 17.02 -1.29
N SER A 255 0.71 17.47 -2.49
CA SER A 255 -0.18 18.62 -2.63
C SER A 255 -1.65 18.37 -2.27
N GLY A 256 -2.19 17.21 -2.66
CA GLY A 256 -3.61 16.96 -2.47
C GLY A 256 -4.47 17.93 -3.27
N GLY A 257 -5.72 18.11 -2.87
CA GLY A 257 -6.66 18.95 -3.61
C GLY A 257 -6.30 20.43 -3.74
N ALA A 258 -5.38 20.91 -2.90
CA ALA A 258 -4.90 22.28 -2.97
C ALA A 258 -4.30 22.58 -4.33
N GLU A 259 -3.74 21.54 -4.95
CA GLU A 259 -3.21 21.65 -6.29
C GLU A 259 -4.34 21.49 -7.30
N THR A 260 -4.65 22.57 -8.02
CA THR A 260 -5.78 22.56 -8.94
C THR A 260 -5.60 21.59 -10.09
N GLY A 261 -4.35 21.27 -10.41
CA GLY A 261 -4.06 20.35 -11.49
C GLY A 261 -4.00 18.88 -11.09
N ILE A 262 -4.29 18.61 -9.82
CA ILE A 262 -4.05 17.27 -9.28
C ILE A 262 -4.95 16.20 -9.91
N VAL A 263 -6.24 16.48 -10.09
CA VAL A 263 -7.11 15.51 -10.73
C VAL A 263 -6.62 15.21 -12.15
N ALA A 264 -6.21 16.24 -12.88
CA ALA A 264 -5.67 16.06 -14.22
C ALA A 264 -4.42 15.18 -14.21
N GLN A 265 -3.56 15.35 -13.20
CA GLN A 265 -2.38 14.52 -13.07
C GLN A 265 -2.77 13.05 -12.93
N TYR A 266 -3.73 12.77 -12.05
CA TYR A 266 -4.11 11.39 -11.82
C TYR A 266 -5.02 10.82 -12.90
N ALA A 267 -5.79 11.68 -13.55
CA ALA A 267 -6.63 11.25 -14.66
C ALA A 267 -5.77 10.78 -15.81
N TYR A 268 -4.66 11.47 -16.02
CA TYR A 268 -3.74 11.10 -17.08
C TYR A 268 -3.17 9.70 -16.86
N VAL A 269 -2.73 9.41 -15.64
CA VAL A 269 -2.22 8.08 -15.29
C VAL A 269 -3.28 7.01 -15.56
N ALA A 270 -4.48 7.22 -15.03
CA ALA A 270 -5.62 6.34 -15.30
C ALA A 270 -5.85 6.13 -16.81
N GLY A 271 -5.78 7.21 -17.58
CA GLY A 271 -5.99 7.11 -19.03
C GLY A 271 -4.97 6.19 -19.67
N GLU A 272 -3.70 6.40 -19.31
CA GLU A 272 -2.61 5.60 -19.84
C GLU A 272 -2.75 4.11 -19.48
N LEU A 273 -3.26 3.83 -18.28
CA LEU A 273 -3.54 2.45 -17.91
C LEU A 273 -4.65 1.84 -18.77
N GLU A 274 -5.73 2.60 -18.98
CA GLU A 274 -6.81 2.10 -19.82
C GLU A 274 -6.33 1.90 -21.25
N LYS A 275 -5.47 2.80 -21.71
CA LYS A 275 -4.88 2.71 -23.04
C LYS A 275 -4.17 1.35 -23.21
N ARG A 276 -3.36 0.98 -22.22
CA ARG A 276 -2.62 -0.28 -22.25
C ARG A 276 -3.59 -1.46 -22.14
N ALA A 277 -4.70 -1.22 -21.42
CA ALA A 277 -5.70 -2.25 -21.20
C ALA A 277 -6.43 -2.63 -22.49
N LYS A 278 -6.72 -1.64 -23.32
CA LYS A 278 -7.38 -1.88 -24.61
C LYS A 278 -6.37 -2.48 -25.58
N ALA A 279 -5.09 -2.18 -25.38
CA ALA A 279 -4.04 -2.75 -26.22
C ALA A 279 -3.59 -4.14 -25.73
N GLY A 280 -4.42 -4.77 -24.89
CA GLY A 280 -4.17 -6.13 -24.47
C GLY A 280 -3.49 -6.34 -23.12
N LYS A 281 -3.12 -5.25 -22.45
CA LYS A 281 -2.39 -5.38 -21.18
C LYS A 281 -3.05 -4.63 -20.03
N ARG A 282 -4.15 -5.17 -19.53
CA ARG A 282 -4.90 -4.54 -18.44
C ARG A 282 -4.33 -4.94 -17.08
N LEU A 283 -3.92 -3.96 -16.28
CA LEU A 283 -3.44 -4.25 -14.93
C LEU A 283 -4.49 -4.99 -14.14
N ALA A 284 -4.04 -5.77 -13.16
CA ALA A 284 -4.96 -6.51 -12.31
C ALA A 284 -5.96 -5.62 -11.57
N PHE A 285 -5.49 -4.48 -11.07
CA PHE A 285 -6.34 -3.54 -10.35
C PHE A 285 -5.65 -2.18 -10.28
N VAL A 286 -6.43 -1.15 -9.99
CA VAL A 286 -5.93 0.14 -9.53
C VAL A 286 -6.37 0.24 -8.08
N HIS A 287 -5.46 0.62 -7.19
CA HIS A 287 -5.79 0.72 -5.77
C HIS A 287 -5.77 2.19 -5.40
N LEU A 288 -6.88 2.70 -4.86
CA LEU A 288 -6.99 4.11 -4.54
C LEU A 288 -7.16 4.34 -3.03
N VAL A 289 -6.38 5.25 -2.48
CA VAL A 289 -6.61 5.77 -1.13
C VAL A 289 -7.68 6.84 -1.24
N GLU A 290 -8.72 6.79 -0.43
CA GLU A 290 -9.80 7.76 -0.55
C GLU A 290 -9.47 9.10 0.12
N PRO A 291 -10.08 10.22 -0.34
CA PRO A 291 -9.92 11.47 0.40
C PRO A 291 -10.55 11.40 1.79
N ARG A 292 -11.22 10.29 2.07
CA ARG A 292 -11.77 10.02 3.41
C ARG A 292 -10.63 10.01 4.43
N VAL A 293 -9.46 9.56 3.99
CA VAL A 293 -8.27 9.52 4.82
C VAL A 293 -7.10 10.18 4.08
N THR A 294 -6.65 11.34 4.52
CA THR A 294 -5.50 11.95 3.88
C THR A 294 -4.25 11.66 4.67
N ASN A 295 -4.43 11.02 5.83
CA ASN A 295 -3.35 10.64 6.73
C ASN A 295 -3.90 9.57 7.66
N PRO A 296 -3.39 8.34 7.57
CA PRO A 296 -3.96 7.20 8.30
C PRO A 296 -3.49 7.14 9.75
N PHE A 297 -2.65 8.07 10.16
CA PHE A 297 -2.26 8.19 11.56
C PHE A 297 -3.09 9.23 12.32
N LEU A 298 -3.97 9.91 11.59
CA LEU A 298 -5.06 10.67 12.22
C LEU A 298 -6.23 9.72 12.47
N THR A 299 -6.90 9.87 13.60
CA THR A 299 -8.06 9.07 13.93
C THR A 299 -9.15 9.19 12.86
N GLU A 300 -9.88 8.09 12.64
CA GLU A 300 -10.98 8.06 11.69
C GLU A 300 -11.86 9.31 11.78
N GLY A 301 -12.14 9.93 10.65
CA GLY A 301 -12.96 11.13 10.63
C GLY A 301 -12.15 12.42 10.59
N GLU A 302 -10.87 12.33 10.97
CA GLU A 302 -9.97 13.48 10.88
C GLU A 302 -9.21 13.49 9.55
N GLY A 303 -8.80 14.69 9.11
CA GLY A 303 -8.08 14.83 7.87
C GLY A 303 -8.86 14.34 6.67
N GLU A 304 -10.18 14.50 6.72
CA GLU A 304 -11.04 14.13 5.59
C GLU A 304 -11.09 15.31 4.62
N TYR A 305 -10.80 15.07 3.35
CA TYR A 305 -10.95 16.09 2.32
C TYR A 305 -12.31 15.96 1.64
N GLU A 306 -13.14 16.98 1.75
CA GLU A 306 -14.50 16.95 1.22
C GLU A 306 -14.61 17.60 -0.16
N GLY A 307 -13.55 18.24 -0.62
CA GLY A 307 -13.61 19.00 -1.86
C GLY A 307 -13.35 18.19 -3.11
N GLY A 308 -13.19 16.87 -2.97
CA GLY A 308 -12.84 16.06 -4.12
C GLY A 308 -13.28 14.62 -3.96
N SER A 309 -13.49 13.96 -5.09
CA SER A 309 -13.92 12.57 -5.12
C SER A 309 -13.00 11.77 -6.03
N ASN A 310 -12.84 10.48 -5.74
CA ASN A 310 -12.11 9.58 -6.64
C ASN A 310 -12.98 9.04 -7.78
N ASP A 311 -14.24 9.44 -7.83
CA ASP A 311 -15.16 8.88 -8.82
C ASP A 311 -14.68 9.08 -10.27
N PHE A 312 -13.92 10.14 -10.51
CA PHE A 312 -13.37 10.39 -11.84
C PHE A 312 -12.61 9.19 -12.44
N VAL A 313 -11.93 8.42 -11.59
CA VAL A 313 -11.16 7.28 -12.08
C VAL A 313 -12.07 6.28 -12.82
N TYR A 314 -13.29 6.14 -12.32
CA TYR A 314 -14.26 5.20 -12.90
C TYR A 314 -14.69 5.57 -14.32
N SER A 315 -14.69 6.86 -14.66
CA SER A 315 -14.99 7.29 -16.04
C SER A 315 -13.84 6.97 -16.98
N ILE A 316 -12.67 6.71 -16.41
CA ILE A 316 -11.47 6.51 -17.23
C ILE A 316 -10.90 5.09 -17.24
N TRP A 317 -10.71 4.51 -16.06
CA TRP A 317 -10.19 3.16 -15.93
C TRP A 317 -11.41 2.25 -15.79
N LYS A 318 -11.45 1.18 -16.58
CA LYS A 318 -12.62 0.30 -16.61
C LYS A 318 -12.37 -1.06 -15.96
N GLY A 319 -11.30 -1.18 -15.17
CA GLY A 319 -10.99 -2.44 -14.51
C GLY A 319 -11.37 -2.45 -13.05
N PRO A 320 -10.89 -3.48 -12.30
CA PRO A 320 -11.16 -3.48 -10.86
C PRO A 320 -10.57 -2.26 -10.15
N VAL A 321 -11.32 -1.75 -9.18
CA VAL A 321 -10.85 -0.66 -8.30
C VAL A 321 -10.98 -1.06 -6.83
N ILE A 322 -9.84 -1.08 -6.14
CA ILE A 322 -9.83 -1.25 -4.70
C ILE A 322 -9.85 0.14 -4.07
N ARG A 323 -10.79 0.39 -3.16
CA ARG A 323 -10.86 1.67 -2.47
C ARG A 323 -10.58 1.48 -0.99
N ALA A 324 -9.74 2.35 -0.42
CA ALA A 324 -9.40 2.23 1.00
C ALA A 324 -9.53 3.56 1.74
N GLY A 325 -9.96 3.51 3.00
CA GLY A 325 -10.00 4.69 3.84
C GLY A 325 -11.26 4.86 4.66
N ASN A 326 -11.16 4.52 5.95
CA ASN A 326 -12.26 4.73 6.92
C ASN A 326 -13.56 4.03 6.52
N PHE A 327 -13.46 2.81 6.02
CA PHE A 327 -14.65 2.05 5.62
C PHE A 327 -15.16 1.12 6.70
N ALA A 328 -14.30 0.75 7.64
CA ALA A 328 -14.67 -0.23 8.66
C ALA A 328 -15.77 0.28 9.58
N LEU A 329 -15.70 1.56 9.94
CA LEU A 329 -16.67 2.17 10.83
C LEU A 329 -17.84 2.75 10.05
N HIS A 330 -17.86 2.54 8.75
CA HIS A 330 -18.92 3.09 7.91
C HIS A 330 -19.51 2.09 6.93
N PRO A 331 -20.13 1.01 7.45
CA PRO A 331 -20.72 0.01 6.57
C PRO A 331 -21.83 0.61 5.71
N GLU A 332 -22.47 1.67 6.20
CA GLU A 332 -23.49 2.35 5.40
C GLU A 332 -22.88 2.93 4.12
N VAL A 333 -21.60 3.29 4.18
CA VAL A 333 -20.93 3.78 3.00
C VAL A 333 -20.54 2.63 2.08
N VAL A 334 -19.98 1.57 2.65
CA VAL A 334 -19.55 0.42 1.86
C VAL A 334 -20.70 -0.19 1.08
N ARG A 335 -21.86 -0.28 1.73
CA ARG A 335 -23.08 -0.82 1.12
C ARG A 335 -23.37 -0.14 -0.22
N GLU A 336 -23.18 1.18 -0.25
CA GLU A 336 -23.41 1.93 -1.48
C GLU A 336 -22.30 1.73 -2.50
N GLU A 337 -21.05 1.83 -2.05
CA GLU A 337 -19.93 1.76 -2.99
C GLU A 337 -19.81 0.39 -3.68
N VAL A 338 -20.10 -0.70 -2.96
CA VAL A 338 -19.99 -2.02 -3.60
C VAL A 338 -21.14 -2.35 -4.57
N LYS A 339 -22.17 -1.49 -4.63
CA LYS A 339 -23.20 -1.64 -5.67
C LYS A 339 -22.55 -1.57 -7.05
N ASP A 340 -21.45 -0.83 -7.16
CA ASP A 340 -20.63 -0.91 -8.36
C ASP A 340 -19.99 -2.28 -8.37
N LYS A 341 -20.01 -2.96 -9.51
CA LYS A 341 -19.68 -4.38 -9.55
C LYS A 341 -18.21 -4.68 -9.67
N ARG A 342 -17.40 -3.64 -9.85
CA ARG A 342 -15.94 -3.82 -9.94
C ARG A 342 -15.20 -3.09 -8.83
N THR A 343 -15.89 -2.82 -7.73
CA THR A 343 -15.31 -2.11 -6.60
C THR A 343 -15.02 -3.05 -5.42
N LEU A 344 -13.77 -3.00 -4.93
CA LEU A 344 -13.36 -3.74 -3.73
C LEU A 344 -13.01 -2.75 -2.63
N ILE A 345 -13.04 -3.21 -1.38
CA ILE A 345 -12.84 -2.32 -0.24
C ILE A 345 -11.63 -2.77 0.57
N GLY A 346 -10.62 -1.91 0.65
CA GLY A 346 -9.48 -2.16 1.53
C GLY A 346 -9.82 -1.69 2.93
N TYR A 347 -9.54 -2.55 3.92
CA TYR A 347 -9.74 -2.22 5.33
C TYR A 347 -8.39 -2.31 6.05
N GLY A 348 -7.83 -1.19 6.46
CA GLY A 348 -6.48 -1.19 7.00
C GLY A 348 -6.37 -1.36 8.49
N ARG A 349 -6.62 -0.29 9.23
CA ARG A 349 -6.43 -0.29 10.68
C ARG A 349 -7.23 -1.38 11.37
N PHE A 350 -8.45 -1.65 10.89
CA PHE A 350 -9.24 -2.69 11.53
C PHE A 350 -8.87 -4.12 11.16
N PHE A 351 -8.16 -4.32 10.05
CA PHE A 351 -7.55 -5.62 9.78
C PHE A 351 -6.32 -5.85 10.69
N ILE A 352 -5.71 -4.75 11.13
CA ILE A 352 -4.63 -4.85 12.10
C ILE A 352 -5.15 -5.47 13.39
N SER A 353 -6.31 -5.01 13.84
CA SER A 353 -6.83 -5.41 15.14
C SER A 353 -7.88 -6.52 15.09
N ASN A 354 -8.32 -6.90 13.89
CA ASN A 354 -9.29 -7.98 13.74
C ASN A 354 -8.84 -8.97 12.69
N PRO A 355 -8.17 -10.05 13.13
CA PRO A 355 -7.72 -11.12 12.23
C PRO A 355 -8.90 -11.75 11.50
N ASP A 356 -10.05 -11.81 12.17
CA ASP A 356 -11.26 -12.36 11.57
C ASP A 356 -12.22 -11.33 10.95
N LEU A 357 -11.66 -10.20 10.52
CA LEU A 357 -12.46 -9.06 10.10
C LEU A 357 -13.56 -9.44 9.11
N VAL A 358 -13.25 -10.32 8.16
CA VAL A 358 -14.22 -10.63 7.10
C VAL A 358 -15.51 -11.23 7.69
N ASP A 359 -15.35 -12.20 8.59
CA ASP A 359 -16.48 -12.77 9.32
C ASP A 359 -17.25 -11.68 10.04
N ARG A 360 -16.54 -10.73 10.66
CA ARG A 360 -17.21 -9.71 11.44
C ARG A 360 -17.98 -8.77 10.54
N LEU A 361 -17.47 -8.54 9.32
CA LEU A 361 -18.16 -7.70 8.35
C LEU A 361 -19.40 -8.44 7.84
N GLU A 362 -19.23 -9.72 7.55
CA GLU A 362 -20.31 -10.54 7.02
C GLU A 362 -21.49 -10.55 7.96
N LYS A 363 -21.21 -10.71 9.25
CA LYS A 363 -22.25 -10.95 10.26
C LYS A 363 -22.62 -9.73 11.08
N GLY A 364 -21.96 -8.59 10.85
CA GLY A 364 -22.27 -7.39 11.61
C GLY A 364 -21.88 -7.52 13.08
N LEU A 365 -20.69 -8.07 13.33
CA LEU A 365 -20.18 -8.25 14.68
C LEU A 365 -19.42 -7.02 15.17
N PRO A 366 -19.30 -6.86 16.50
CA PRO A 366 -18.48 -5.76 17.04
C PRO A 366 -17.02 -5.85 16.57
N LEU A 367 -16.34 -4.72 16.52
CA LEU A 367 -14.94 -4.72 16.08
C LEU A 367 -13.97 -4.53 17.26
N ASN A 368 -12.85 -5.24 17.26
CA ASN A 368 -11.78 -4.95 18.21
C ASN A 368 -11.26 -3.53 17.95
N LYS A 369 -11.13 -2.73 19.00
CA LYS A 369 -10.40 -1.47 18.88
C LYS A 369 -8.96 -1.75 18.47
N TYR A 370 -8.35 -0.86 17.69
CA TYR A 370 -6.92 -1.03 17.41
C TYR A 370 -6.07 -0.26 18.43
N ASP A 371 -4.80 -0.62 18.51
CA ASP A 371 -3.86 0.05 19.40
C ASP A 371 -2.75 0.73 18.57
N ARG A 372 -2.89 2.03 18.33
CA ARG A 372 -1.93 2.77 17.51
CA ARG A 372 -1.93 2.74 17.50
C ARG A 372 -0.49 2.69 18.04
N ASP A 373 -0.36 2.53 19.36
CA ASP A 373 0.95 2.46 19.98
C ASP A 373 1.78 1.27 19.49
N THR A 374 1.10 0.22 19.06
CA THR A 374 1.81 -0.96 18.57
C THR A 374 1.70 -1.14 17.06
N PHE A 375 1.34 -0.08 16.33
CA PHE A 375 1.32 -0.13 14.88
C PHE A 375 2.73 -0.43 14.38
N TYR A 376 3.71 0.26 14.96
CA TYR A 376 5.11 0.17 14.55
C TYR A 376 6.09 -0.44 15.58
N GLN A 377 5.59 -1.12 16.60
CA GLN A 377 6.49 -1.64 17.67
C GLN A 377 7.24 -2.94 17.30
N MET A 378 8.41 -3.16 17.90
CA MET A 378 9.05 -4.46 17.73
C MET A 378 8.50 -5.40 18.78
N SER A 379 7.27 -5.90 18.54
CA SER A 379 6.59 -6.73 19.53
C SER A 379 5.53 -7.64 18.92
N ALA A 380 5.36 -8.80 19.53
CA ALA A 380 4.22 -9.66 19.23
C ALA A 380 2.93 -8.98 19.71
N HIS A 381 3.04 -8.20 20.78
CA HIS A 381 1.89 -7.50 21.32
C HIS A 381 1.41 -6.45 20.34
N GLY A 382 0.11 -6.42 20.08
CA GLY A 382 -0.44 -5.52 19.07
C GLY A 382 -0.12 -5.94 17.65
N TYR A 383 0.26 -7.21 17.48
CA TYR A 383 0.62 -7.74 16.18
C TYR A 383 -0.10 -9.07 15.98
N ILE A 384 0.22 -10.06 16.81
CA ILE A 384 -0.36 -11.38 16.65
C ILE A 384 -1.23 -11.82 17.81
N ASP A 385 -1.47 -10.92 18.76
CA ASP A 385 -2.25 -11.29 19.93
C ASP A 385 -3.65 -10.66 19.96
N TYR A 386 -4.05 -10.02 18.86
CA TYR A 386 -5.44 -9.57 18.76
C TYR A 386 -6.35 -10.80 18.61
N PRO A 387 -7.43 -10.85 19.41
CA PRO A 387 -8.30 -12.03 19.42
C PRO A 387 -9.33 -12.06 18.29
N THR A 388 -9.68 -13.26 17.82
CA THR A 388 -10.87 -13.44 17.01
C THR A 388 -12.07 -13.12 17.89
N TYR A 389 -13.23 -12.97 17.27
CA TYR A 389 -14.46 -12.66 18.00
C TYR A 389 -14.75 -13.73 19.07
N GLU A 390 -14.55 -14.99 18.71
CA GLU A 390 -14.72 -16.10 19.64
C GLU A 390 -13.83 -15.92 20.86
N GLU A 391 -12.53 -15.72 20.59
CA GLU A 391 -11.56 -15.52 21.66
C GLU A 391 -11.90 -14.28 22.47
N ALA A 392 -12.41 -13.24 21.80
CA ALA A 392 -12.74 -12.01 22.49
C ALA A 392 -13.87 -12.23 23.49
N LEU A 393 -14.87 -13.00 23.07
CA LEU A 393 -15.96 -13.36 23.97
C LEU A 393 -15.45 -14.13 25.18
N LYS A 394 -14.62 -15.13 24.93
CA LYS A 394 -14.01 -15.91 26.02
C LYS A 394 -13.25 -15.04 26.99
N LEU A 395 -12.62 -13.98 26.48
CA LEU A 395 -11.90 -13.01 27.32
C LEU A 395 -12.84 -12.01 27.98
N GLY A 396 -14.13 -12.10 27.66
CA GLY A 396 -15.12 -11.25 28.29
C GLY A 396 -15.20 -9.84 27.73
N TRP A 397 -14.67 -9.64 26.53
CA TRP A 397 -14.62 -8.31 25.92
C TRP A 397 -15.97 -7.63 25.74
N ASP A 398 -17.05 -8.41 25.73
CA ASP A 398 -18.39 -7.86 25.59
C ASP A 398 -18.85 -7.22 26.90
N LYS A 399 -18.18 -7.58 27.98
CA LYS A 399 -18.52 -7.06 29.30
C LYS A 399 -17.41 -6.16 29.83
N LYS A 400 -16.76 -5.45 28.91
CA LYS A 400 -15.84 -4.39 29.28
C LYS A 400 -16.37 -3.09 28.70
N1 FMN B . -0.21 2.04 2.73
C2 FMN B . 0.68 1.60 1.78
O2 FMN B . 0.44 1.80 0.59
N3 FMN B . 1.83 0.93 2.15
C4 FMN B . 2.09 0.70 3.49
O4 FMN B . 3.11 0.08 3.81
C4A FMN B . 1.19 1.15 4.46
N5 FMN B . 1.42 0.95 5.80
C5A FMN B . 0.52 1.40 6.76
C6 FMN B . 0.76 1.18 8.11
C7 FMN B . -0.15 1.63 9.07
C7M FMN B . 0.08 1.40 10.54
C8 FMN B . -1.30 2.31 8.66
C8M FMN B . -2.29 2.80 9.68
C9 FMN B . -1.53 2.53 7.30
C9A FMN B . -0.63 2.06 6.35
N10 FMN B . -0.85 2.28 4.98
C10 FMN B . 0.06 1.83 4.06
C1' FMN B . -2.09 2.96 4.48
C2' FMN B . -3.21 1.89 4.49
O2' FMN B . -3.01 0.88 3.50
C3' FMN B . -4.62 2.44 4.29
O3' FMN B . -4.66 3.13 3.04
C4' FMN B . -5.05 3.40 5.40
O4' FMN B . -4.90 2.79 6.66
C5' FMN B . -6.51 3.84 5.27
O5' FMN B . -7.34 2.73 5.46
P FMN B . -8.11 2.44 6.84
O1P FMN B . -8.96 3.64 7.25
O2P FMN B . -7.10 2.15 7.94
O3P FMN B . -8.98 1.22 6.60
MG MG C . -19.05 -14.22 28.79
C1 3RN D . 2.58 4.12 3.87
O1 3RN D . 2.17 4.29 2.72
C2 3RN D . 2.05 4.74 5.00
O2 3RN D . -0.15 5.27 4.07
C3 3RN D . 2.71 4.35 6.08
C4 3RN D . 3.84 3.37 5.74
C5 3RN D . 3.75 3.21 4.22
C6 3RN D . 0.86 5.71 4.98
#